data_4NO5
#
_entry.id   4NO5
#
_cell.length_a   56.400
_cell.length_b   79.300
_cell.length_c   56.800
_cell.angle_alpha   90.000
_cell.angle_beta   115.500
_cell.angle_gamma   90.000
#
_symmetry.space_group_name_H-M   'P 1 21 1'
#
loop_
_entity.id
_entity.type
_entity.pdbx_description
1 polymer 'HLA class I histocompatibility antigen, A-2 alpha chain'
2 polymer Beta-2-microglobulin
3 polymer 'AMP deaminase 2'
4 non-polymer 1,2-ETHANEDIOL
5 non-polymer 'SODIUM ION'
6 water water
#
loop_
_entity_poly.entity_id
_entity_poly.type
_entity_poly.pdbx_seq_one_letter_code
_entity_poly.pdbx_strand_id
1 'polypeptide(L)'
;GSHSMRYFFTSVSRPGRGEPRFIAVGYVDDTQFVRFDSDAASQRMEPRAPWIEQEGPEYWDGETRKVKAHSQTHRVDLGT
LRGYYNQSEAGSHTVQRMYGCDVGSDWRFLRGYHQYAYDGKDYIALKEDLRSWTAADMAAQTTKHKWEAAHVAEQLRAYL
EGTCVEWLRRYLENGKETLQRTDAPKTHMTHHAVSDHEATLRCWALSFYPAEITLTWQRDGEDQTQDTELVETRPAGDGT
FQKWAAVVVPSGQEQRYTCHVQHEGLPKPLTLRWE
;
A
2 'polypeptide(L)'
;QRTPKIQVYSRHPAENGKSNFLNCYVSGFHPSDIEVDLLKNGERIEKVEHSDLSFSKDWSFYLLYYTEFTPTEKDEYACR
VNHVTLSQPKIVKWDRDM
;
B
3 'polypeptide(L)' RQISQDVKL C
#
# COMPACT_ATOMS: atom_id res chain seq x y z
N GLY A 1 -3.02 -11.90 -17.89
CA GLY A 1 -3.04 -11.35 -16.51
C GLY A 1 -3.57 -9.93 -16.47
N SER A 2 -4.32 -9.62 -15.41
CA SER A 2 -5.02 -8.34 -15.24
C SER A 2 -4.15 -7.14 -14.79
N HIS A 3 -4.71 -5.94 -14.93
CA HIS A 3 -4.02 -4.70 -14.55
C HIS A 3 -5.01 -3.71 -13.99
N SER A 4 -4.52 -2.79 -13.15
CA SER A 4 -5.38 -1.81 -12.50
C SER A 4 -4.80 -0.41 -12.55
N MET A 5 -5.70 0.58 -12.53
CA MET A 5 -5.30 1.96 -12.23
C MET A 5 -6.10 2.43 -11.03
N ARG A 6 -5.41 2.99 -10.04
CA ARG A 6 -6.07 3.45 -8.83
C ARG A 6 -5.57 4.80 -8.41
N TYR A 7 -6.49 5.61 -7.89
CA TYR A 7 -6.14 6.87 -7.26
C TYR A 7 -6.66 6.82 -5.83
N PHE A 8 -5.78 7.17 -4.89
CA PHE A 8 -6.06 7.12 -3.47
C PHE A 8 -5.94 8.56 -2.92
N PHE A 9 -6.92 8.98 -2.12
CA PHE A 9 -6.95 10.36 -1.61
C PHE A 9 -7.21 10.34 -0.13
N THR A 10 -6.41 11.09 0.63
CA THR A 10 -6.60 11.23 2.06
C THR A 10 -6.63 12.70 2.44
N SER A 11 -7.69 13.09 3.15
CA SER A 11 -7.84 14.46 3.60
C SER A 11 -8.06 14.46 5.11
N VAL A 12 -7.19 15.16 5.85
CA VAL A 12 -7.23 15.19 7.31
C VAL A 12 -7.46 16.64 7.76
N SER A 13 -8.59 16.91 8.40
CA SER A 13 -8.87 18.26 8.85
C SER A 13 -7.86 18.72 9.90
N ARG A 14 -7.56 20.02 9.88
CA ARG A 14 -6.64 20.62 10.84
C ARG A 14 -7.39 21.70 11.60
N PRO A 15 -8.14 21.30 12.63
CA PRO A 15 -9.07 22.24 13.30
C PRO A 15 -8.37 23.43 13.99
N GLY A 16 -7.09 23.28 14.34
CA GLY A 16 -6.35 24.35 15.00
C GLY A 16 -6.00 25.50 14.06
N ARG A 17 -5.59 25.18 12.84
CA ARG A 17 -5.32 26.23 11.85
C ARG A 17 -5.30 25.69 10.44
N GLY A 18 -5.94 26.43 9.55
CA GLY A 18 -5.74 26.27 8.11
C GLY A 18 -6.53 25.13 7.50
N GLU A 19 -6.10 24.72 6.32
CA GLU A 19 -6.77 23.75 5.50
C GLU A 19 -6.38 22.31 5.85
N PRO A 20 -7.19 21.34 5.38
CA PRO A 20 -6.88 19.93 5.63
C PRO A 20 -5.54 19.53 5.04
N ARG A 21 -4.88 18.55 5.65
CA ARG A 21 -3.73 17.92 5.01
C ARG A 21 -4.33 17.03 3.94
N PHE A 22 -3.81 17.13 2.72
CA PHE A 22 -4.35 16.39 1.58
C PHE A 22 -3.22 15.69 0.85
N ILE A 23 -3.32 14.36 0.72
CA ILE A 23 -2.37 13.57 -0.05
C ILE A 23 -3.09 12.70 -1.07
N ALA A 24 -2.71 12.84 -2.33
CA ALA A 24 -3.20 11.99 -3.40
C ALA A 24 -2.06 11.23 -4.06
N VAL A 25 -2.29 9.95 -4.33
CA VAL A 25 -1.34 9.12 -5.08
C VAL A 25 -2.10 8.30 -6.13
N GLY A 26 -1.46 8.12 -7.29
CA GLY A 26 -1.99 7.26 -8.35
C GLY A 26 -1.07 6.07 -8.57
N TYR A 27 -1.67 4.90 -8.75
CA TYR A 27 -0.96 3.66 -9.00
C TYR A 27 -1.41 3.05 -10.34
N VAL A 28 -0.47 2.45 -11.04
CA VAL A 28 -0.78 1.42 -12.04
C VAL A 28 -0.22 0.14 -11.46
N ASP A 29 -1.10 -0.85 -11.29
CA ASP A 29 -0.78 -2.08 -10.56
C ASP A 29 -0.15 -1.73 -9.21
N ASP A 30 1.06 -2.23 -8.94
CA ASP A 30 1.78 -1.92 -7.69
C ASP A 30 2.85 -0.83 -7.83
N THR A 31 2.70 -0.02 -8.87
CA THR A 31 3.66 1.03 -9.18
C THR A 31 2.99 2.39 -9.00
N GLN A 32 3.46 3.17 -8.03
CA GLN A 32 3.02 4.56 -7.89
C GLN A 32 3.60 5.41 -9.01
N PHE A 33 2.77 6.24 -9.63
CA PHE A 33 3.24 7.06 -10.76
C PHE A 33 3.05 8.56 -10.63
N VAL A 34 2.12 8.98 -9.78
CA VAL A 34 1.93 10.40 -9.46
C VAL A 34 1.67 10.64 -7.97
N ARG A 35 1.87 11.88 -7.56
CA ARG A 35 1.53 12.31 -6.21
C ARG A 35 1.12 13.77 -6.18
N PHE A 36 0.26 14.08 -5.23
CA PHE A 36 0.04 15.46 -4.82
C PHE A 36 0.06 15.52 -3.31
N ASP A 37 0.87 16.43 -2.79
CA ASP A 37 0.94 16.66 -1.37
C ASP A 37 0.69 18.12 -1.09
N SER A 38 -0.36 18.40 -0.31
CA SER A 38 -0.73 19.77 0.06
C SER A 38 0.38 20.50 0.81
N ASP A 39 1.25 19.76 1.47
CA ASP A 39 2.31 20.35 2.28
C ASP A 39 3.62 20.59 1.50
N ALA A 40 3.66 20.14 0.25
CA ALA A 40 4.82 20.31 -0.61
C ALA A 40 4.77 21.66 -1.33
N ALA A 41 5.95 22.16 -1.70
CA ALA A 41 6.11 23.51 -2.26
C ALA A 41 5.60 23.66 -3.69
N SER A 42 5.64 22.58 -4.48
CA SER A 42 5.25 22.70 -5.88
C SER A 42 3.77 23.07 -6.10
N GLN A 43 2.89 22.51 -5.28
CA GLN A 43 1.42 22.59 -5.51
C GLN A 43 1.02 22.10 -6.91
N ARG A 44 1.75 21.10 -7.40
CA ARG A 44 1.41 20.46 -8.66
C ARG A 44 1.33 18.94 -8.50
N MET A 45 0.53 18.30 -9.34
CA MET A 45 0.70 16.86 -9.54
C MET A 45 2.14 16.61 -10.00
N GLU A 46 2.84 15.71 -9.29
CA GLU A 46 4.24 15.41 -9.55
C GLU A 46 4.39 13.98 -10.05
N PRO A 47 5.36 13.74 -10.97
CA PRO A 47 5.69 12.39 -11.45
C PRO A 47 6.41 11.58 -10.38
N ARG A 48 6.11 10.28 -10.29
CA ARG A 48 6.82 9.38 -9.40
C ARG A 48 7.29 8.10 -10.09
N ALA A 49 7.08 8.04 -11.41
CA ALA A 49 7.64 6.97 -12.22
C ALA A 49 8.15 7.56 -13.53
N PRO A 50 9.32 7.07 -14.02
CA PRO A 50 9.90 7.62 -15.25
C PRO A 50 8.96 7.69 -16.46
N TRP A 51 8.10 6.69 -16.63
CA TRP A 51 7.29 6.58 -17.84
C TRP A 51 6.08 7.53 -17.94
N ILE A 52 5.72 8.17 -16.84
CA ILE A 52 4.68 9.19 -16.87
C ILE A 52 5.27 10.54 -17.25
N GLU A 53 6.59 10.68 -17.10
CA GLU A 53 7.30 11.90 -17.46
C GLU A 53 7.24 12.22 -18.95
N GLN A 54 6.90 11.21 -19.75
CA GLN A 54 6.71 11.38 -21.19
C GLN A 54 5.54 12.33 -21.48
N GLU A 55 4.59 12.41 -20.54
CA GLU A 55 3.38 13.23 -20.73
C GLU A 55 3.73 14.71 -20.76
N GLY A 56 3.02 15.47 -21.59
CA GLY A 56 3.34 16.87 -21.82
C GLY A 56 2.73 17.87 -20.84
N PRO A 57 3.08 19.17 -20.99
CA PRO A 57 2.58 20.26 -20.15
C PRO A 57 1.07 20.25 -19.91
N GLU A 58 0.28 20.00 -20.96
CA GLU A 58 -1.17 20.03 -20.84
C GLU A 58 -1.68 18.95 -19.87
N TYR A 59 -1.03 17.79 -19.88
CA TYR A 59 -1.37 16.71 -18.97
C TYR A 59 -1.12 17.17 -17.52
N TRP A 60 0.06 17.74 -17.26
CA TRP A 60 0.39 18.17 -15.91
C TRP A 60 -0.51 19.30 -15.41
N ASP A 61 -0.80 20.27 -16.29
CA ASP A 61 -1.78 21.35 -15.98
C ASP A 61 -3.15 20.79 -15.69
N GLY A 62 -3.63 19.90 -16.56
CA GLY A 62 -4.94 19.28 -16.39
C GLY A 62 -5.03 18.43 -15.14
N GLU A 63 -4.00 17.64 -14.85
CA GLU A 63 -3.99 16.77 -13.66
C GLU A 63 -3.83 17.57 -12.36
N THR A 64 -3.16 18.71 -12.46
CA THR A 64 -2.98 19.58 -11.32
C THR A 64 -4.30 20.25 -11.00
N ARG A 65 -4.94 20.79 -12.03
CA ARG A 65 -6.24 21.44 -11.94
C ARG A 65 -7.27 20.49 -11.32
N LYS A 66 -7.32 19.26 -11.81
CA LYS A 66 -8.29 18.30 -11.29
C LYS A 66 -8.01 17.91 -9.84
N VAL A 67 -6.75 17.62 -9.50
CA VAL A 67 -6.43 17.21 -8.14
C VAL A 67 -6.62 18.33 -7.10
N LYS A 68 -6.38 19.58 -7.51
CA LYS A 68 -6.61 20.73 -6.65
C LYS A 68 -8.11 20.91 -6.39
N ALA A 69 -8.93 20.80 -7.44
CA ALA A 69 -10.38 20.88 -7.30
C ALA A 69 -10.89 19.79 -6.33
N HIS A 70 -10.40 18.57 -6.53
CA HIS A 70 -10.66 17.43 -5.64
C HIS A 70 -10.29 17.71 -4.17
N SER A 71 -9.17 18.39 -3.94
CA SER A 71 -8.75 18.73 -2.57
C SER A 71 -9.70 19.71 -1.90
N GLN A 72 -10.28 20.60 -2.70
CA GLN A 72 -11.20 21.59 -2.16
C GLN A 72 -12.53 20.92 -1.82
N THR A 73 -12.93 19.97 -2.65
CA THR A 73 -14.12 19.17 -2.41
C THR A 73 -14.02 18.34 -1.13
N HIS A 74 -12.85 17.73 -0.89
CA HIS A 74 -12.64 17.01 0.36
C HIS A 74 -12.70 17.93 1.58
N ARG A 75 -12.15 19.13 1.43
CA ARG A 75 -12.28 20.15 2.47
C ARG A 75 -13.77 20.39 2.78
N VAL A 76 -14.58 20.63 1.75
CA VAL A 76 -16.05 20.75 1.89
C VAL A 76 -16.66 19.48 2.49
N ASP A 77 -16.23 18.31 1.99
CA ASP A 77 -16.74 17.03 2.49
C ASP A 77 -16.54 16.84 3.99
N LEU A 78 -15.38 17.26 4.49
CA LEU A 78 -15.10 17.18 5.91
C LEU A 78 -16.09 17.99 6.73
N GLY A 79 -16.40 19.19 6.24
CA GLY A 79 -17.41 20.04 6.86
C GLY A 79 -18.79 19.41 6.77
N THR A 80 -19.14 18.90 5.59
CA THR A 80 -20.43 18.20 5.41
C THR A 80 -20.63 17.02 6.37
N LEU A 81 -19.62 16.17 6.48
CA LEU A 81 -19.76 14.96 7.31
C LEU A 81 -19.73 15.27 8.80
N ARG A 82 -19.00 16.31 9.18
CA ARG A 82 -19.03 16.76 10.56
C ARG A 82 -20.44 17.21 10.94
N GLY A 83 -21.11 17.91 10.01
CA GLY A 83 -22.52 18.28 10.16
C GLY A 83 -23.44 17.07 10.23
N TYR A 84 -23.36 16.19 9.23
CA TYR A 84 -24.14 14.94 9.24
C TYR A 84 -24.02 14.18 10.56
N TYR A 85 -22.79 14.05 11.06
CA TYR A 85 -22.55 13.26 12.25
C TYR A 85 -22.61 14.04 13.56
N ASN A 86 -23.00 15.32 13.50
CA ASN A 86 -23.18 16.15 14.70
C ASN A 86 -21.91 16.27 15.53
N GLN A 87 -20.79 16.48 14.86
CA GLN A 87 -19.52 16.53 15.53
C GLN A 87 -19.08 17.97 15.72
N SER A 88 -18.25 18.22 16.74
CA SER A 88 -17.75 19.56 17.01
C SER A 88 -16.64 19.92 16.02
N GLU A 89 -16.34 21.22 15.90
CA GLU A 89 -15.24 21.71 15.08
C GLU A 89 -13.87 21.45 15.69
N ALA A 90 -13.85 20.92 16.92
CA ALA A 90 -12.61 20.81 17.68
C ALA A 90 -11.70 19.63 17.31
N GLY A 91 -12.29 18.50 16.91
CA GLY A 91 -11.52 17.30 16.61
C GLY A 91 -11.09 17.18 15.16
N SER A 92 -10.04 16.40 14.92
CA SER A 92 -9.57 16.14 13.56
C SER A 92 -10.25 14.88 13.01
N HIS A 93 -10.61 14.93 11.73
CA HIS A 93 -11.32 13.85 11.06
C HIS A 93 -10.71 13.53 9.68
N THR A 94 -11.00 12.34 9.15
CA THR A 94 -10.37 11.89 7.92
C THR A 94 -11.40 11.45 6.90
N VAL A 95 -11.29 11.99 5.69
CA VAL A 95 -12.03 11.48 4.56
C VAL A 95 -11.02 10.76 3.67
N GLN A 96 -11.36 9.54 3.26
CA GLN A 96 -10.58 8.81 2.27
C GLN A 96 -11.45 8.49 1.07
N ARG A 97 -10.84 8.51 -0.10
CA ARG A 97 -11.52 8.18 -1.33
C ARG A 97 -10.58 7.34 -2.19
N MET A 98 -11.12 6.33 -2.84
CA MET A 98 -10.36 5.57 -3.83
C MET A 98 -11.25 5.38 -5.06
N TYR A 99 -10.66 5.52 -6.24
CA TYR A 99 -11.36 5.15 -7.48
C TYR A 99 -10.41 4.55 -8.53
N GLY A 100 -10.97 3.85 -9.50
CA GLY A 100 -10.14 3.25 -10.53
C GLY A 100 -10.81 2.12 -11.27
N CYS A 101 -10.03 1.47 -12.13
CA CYS A 101 -10.54 0.42 -12.98
C CYS A 101 -9.52 -0.68 -13.13
N ASP A 102 -10.00 -1.91 -13.38
CA ASP A 102 -9.17 -3.01 -13.81
C ASP A 102 -9.46 -3.32 -15.28
N VAL A 103 -8.43 -3.78 -15.99
CA VAL A 103 -8.64 -4.47 -17.27
C VAL A 103 -8.29 -5.93 -17.03
N GLY A 104 -9.01 -6.81 -17.71
CA GLY A 104 -8.86 -8.25 -17.53
C GLY A 104 -7.85 -8.86 -18.49
N SER A 105 -7.79 -10.19 -18.49
CA SER A 105 -6.84 -10.93 -19.33
C SER A 105 -7.08 -10.71 -20.83
N ASP A 106 -8.29 -10.29 -21.19
CA ASP A 106 -8.61 -9.94 -22.57
C ASP A 106 -8.28 -8.47 -22.93
N TRP A 107 -7.62 -7.77 -22.00
CA TRP A 107 -7.23 -6.36 -22.18
C TRP A 107 -8.39 -5.37 -22.29
N ARG A 108 -9.58 -5.79 -21.86
CA ARG A 108 -10.75 -4.92 -21.81
C ARG A 108 -11.19 -4.71 -20.38
N PHE A 109 -12.07 -3.73 -20.18
CA PHE A 109 -12.70 -3.43 -18.89
C PHE A 109 -13.09 -4.69 -18.15
N LEU A 110 -12.75 -4.74 -16.87
CA LEU A 110 -13.12 -5.86 -16.01
C LEU A 110 -13.96 -5.39 -14.82
N ARG A 111 -13.54 -4.30 -14.19
CA ARG A 111 -14.23 -3.78 -13.00
C ARG A 111 -13.91 -2.29 -12.77
N GLY A 112 -14.85 -1.58 -12.14
CA GLY A 112 -14.68 -0.17 -11.79
C GLY A 112 -14.94 0.04 -10.30
N TYR A 113 -14.25 1.01 -9.70
CA TYR A 113 -14.38 1.28 -8.27
C TYR A 113 -14.52 2.78 -8.03
N HIS A 114 -15.28 3.13 -6.99
CA HIS A 114 -15.37 4.52 -6.53
C HIS A 114 -16.03 4.54 -5.16
N GLN A 115 -15.22 4.69 -4.11
CA GLN A 115 -15.70 4.52 -2.74
C GLN A 115 -15.00 5.43 -1.74
N TYR A 116 -15.67 5.67 -0.61
CA TYR A 116 -15.21 6.60 0.43
C TYR A 116 -15.29 5.97 1.82
N ALA A 117 -14.38 6.41 2.69
CA ALA A 117 -14.45 6.16 4.14
C ALA A 117 -14.39 7.48 4.91
N TYR A 118 -15.05 7.50 6.06
CA TYR A 118 -14.95 8.60 7.00
C TYR A 118 -14.40 8.07 8.30
N ASP A 119 -13.35 8.72 8.83
CA ASP A 119 -12.64 8.23 10.03
C ASP A 119 -12.39 6.72 9.98
N GLY A 120 -11.94 6.24 8.83
CA GLY A 120 -11.56 4.85 8.65
C GLY A 120 -12.67 3.81 8.46
N LYS A 121 -13.91 4.27 8.40
CA LYS A 121 -15.05 3.37 8.21
C LYS A 121 -15.73 3.61 6.84
N ASP A 122 -16.16 2.52 6.20
CA ASP A 122 -16.98 2.61 4.99
C ASP A 122 -18.03 3.68 5.12
N TYR A 123 -18.09 4.54 4.12
CA TYR A 123 -19.12 5.54 4.05
C TYR A 123 -20.09 5.22 2.90
N ILE A 124 -19.62 5.38 1.66
CA ILE A 124 -20.41 5.07 0.47
C ILE A 124 -19.49 4.49 -0.58
N ALA A 125 -20.01 3.53 -1.35
CA ALA A 125 -19.25 2.84 -2.39
C ALA A 125 -20.13 2.53 -3.59
N LEU A 126 -19.58 2.71 -4.78
CA LEU A 126 -20.26 2.36 -6.01
C LEU A 126 -20.21 0.83 -6.10
N LYS A 127 -21.35 0.22 -6.39
CA LYS A 127 -21.40 -1.24 -6.52
C LYS A 127 -20.81 -1.71 -7.87
N GLU A 128 -20.58 -3.01 -8.00
CA GLU A 128 -19.93 -3.57 -9.18
C GLU A 128 -20.71 -3.28 -10.49
N ASP A 129 -22.03 -3.21 -10.41
CA ASP A 129 -22.85 -2.84 -11.59
C ASP A 129 -22.64 -1.40 -12.06
N LEU A 130 -21.90 -0.62 -11.25
CA LEU A 130 -21.60 0.79 -11.54
C LEU A 130 -22.88 1.60 -11.79
N ARG A 131 -23.96 1.15 -11.16
CA ARG A 131 -25.28 1.76 -11.26
C ARG A 131 -25.89 2.05 -9.89
N SER A 132 -25.49 1.29 -8.88
CA SER A 132 -26.05 1.46 -7.54
C SER A 132 -25.00 1.76 -6.45
N TRP A 133 -25.49 2.21 -5.29
CA TRP A 133 -24.64 2.65 -4.20
C TRP A 133 -24.89 1.82 -2.93
N THR A 134 -23.81 1.51 -2.22
CA THR A 134 -23.85 0.94 -0.88
C THR A 134 -23.58 2.07 0.10
N ALA A 135 -24.62 2.46 0.84
CA ALA A 135 -24.54 3.50 1.85
C ALA A 135 -24.51 2.82 3.21
N ALA A 136 -23.46 3.04 3.99
CA ALA A 136 -23.29 2.31 5.25
C ALA A 136 -24.26 2.71 6.37
N ASP A 137 -24.63 3.99 6.41
CA ASP A 137 -25.48 4.55 7.45
C ASP A 137 -26.37 5.69 6.90
N MET A 138 -27.05 6.40 7.79
CA MET A 138 -28.06 7.39 7.36
C MET A 138 -27.43 8.68 6.85
N ALA A 139 -26.22 8.98 7.30
CA ALA A 139 -25.41 10.07 6.72
C ALA A 139 -25.07 9.72 5.28
N ALA A 140 -24.49 8.54 5.06
CA ALA A 140 -24.18 8.08 3.71
C ALA A 140 -25.42 7.95 2.82
N GLN A 141 -26.56 7.64 3.45
CA GLN A 141 -27.84 7.55 2.77
C GLN A 141 -28.28 8.91 2.19
N THR A 142 -28.01 9.99 2.91
CA THR A 142 -28.37 11.29 2.38
C THR A 142 -27.45 11.65 1.18
N THR A 143 -26.18 11.30 1.28
CA THR A 143 -25.28 11.40 0.13
C THR A 143 -25.82 10.59 -1.07
N LYS A 144 -26.21 9.33 -0.81
CA LYS A 144 -26.76 8.45 -1.86
C LYS A 144 -27.99 9.03 -2.56
N HIS A 145 -28.93 9.57 -1.78
CA HIS A 145 -30.14 10.21 -2.35
C HIS A 145 -29.79 11.35 -3.31
N LYS A 146 -28.90 12.22 -2.86
CA LYS A 146 -28.39 13.31 -3.68
C LYS A 146 -27.78 12.78 -4.98
N TRP A 147 -26.88 11.80 -4.85
CA TRP A 147 -26.13 11.27 -5.99
C TRP A 147 -27.03 10.56 -7.00
N GLU A 148 -28.03 9.83 -6.52
CA GLU A 148 -29.01 9.18 -7.40
C GLU A 148 -29.82 10.20 -8.19
N ALA A 149 -30.24 11.28 -7.51
CA ALA A 149 -30.97 12.36 -8.16
C ALA A 149 -30.12 13.09 -9.22
N ALA A 150 -28.81 13.13 -9.01
CA ALA A 150 -27.92 13.87 -9.88
C ALA A 150 -27.24 13.01 -10.96
N HIS A 151 -27.62 11.73 -11.01
CA HIS A 151 -27.06 10.77 -11.96
C HIS A 151 -25.53 10.68 -11.89
N VAL A 152 -25.01 10.69 -10.66
CA VAL A 152 -23.57 10.63 -10.45
C VAL A 152 -22.98 9.31 -10.94
N ALA A 153 -23.67 8.20 -10.71
CA ALA A 153 -23.20 6.89 -11.18
C ALA A 153 -23.01 6.77 -12.71
N GLU A 154 -23.94 7.33 -13.49
CA GLU A 154 -23.81 7.35 -14.96
C GLU A 154 -22.54 8.07 -15.41
N GLN A 155 -22.24 9.19 -14.76
CA GLN A 155 -21.08 9.99 -15.10
C GLN A 155 -19.79 9.26 -14.70
N LEU A 156 -19.82 8.56 -13.57
CA LEU A 156 -18.72 7.71 -13.13
C LEU A 156 -18.50 6.49 -14.02
N ARG A 157 -19.61 5.87 -14.45
CA ARG A 157 -19.57 4.66 -15.30
C ARG A 157 -18.89 4.97 -16.63
N ALA A 158 -19.21 6.12 -17.20
CA ALA A 158 -18.59 6.58 -18.46
C ALA A 158 -17.07 6.73 -18.29
N TYR A 159 -16.63 7.35 -17.19
CA TYR A 159 -15.20 7.46 -16.94
C TYR A 159 -14.57 6.06 -16.77
N LEU A 160 -15.15 5.23 -15.92
CA LEU A 160 -14.55 3.95 -15.55
C LEU A 160 -14.42 2.97 -16.72
N GLU A 161 -15.45 2.94 -17.56
CA GLU A 161 -15.50 2.07 -18.72
C GLU A 161 -14.80 2.69 -19.92
N GLY A 162 -14.53 3.99 -19.86
CA GLY A 162 -13.92 4.69 -20.99
C GLY A 162 -12.53 5.24 -20.70
N THR A 163 -12.47 6.52 -20.36
CA THR A 163 -11.21 7.22 -20.05
C THR A 163 -10.26 6.38 -19.18
N CYS A 164 -10.80 5.78 -18.11
CA CYS A 164 -9.97 5.06 -17.13
C CYS A 164 -9.23 3.89 -17.79
N VAL A 165 -9.98 3.07 -18.51
CA VAL A 165 -9.42 1.89 -19.17
C VAL A 165 -8.45 2.29 -20.29
N GLU A 166 -8.81 3.33 -21.04
CA GLU A 166 -8.01 3.82 -22.16
C GLU A 166 -6.66 4.36 -21.70
N TRP A 167 -6.67 5.15 -20.63
CA TRP A 167 -5.43 5.71 -20.14
C TRP A 167 -4.60 4.67 -19.42
N LEU A 168 -5.26 3.73 -18.72
CA LEU A 168 -4.54 2.62 -18.10
C LEU A 168 -3.73 1.87 -19.18
N ARG A 169 -4.38 1.56 -20.29
CA ARG A 169 -3.72 0.88 -21.38
C ARG A 169 -2.59 1.69 -21.98
N ARG A 170 -2.80 3.00 -22.13
CA ARG A 170 -1.72 3.90 -22.55
C ARG A 170 -0.50 3.80 -21.62
N TYR A 171 -0.72 3.94 -20.32
CA TYR A 171 0.40 3.87 -19.37
C TYR A 171 1.13 2.53 -19.46
N LEU A 172 0.36 1.44 -19.51
CA LEU A 172 0.92 0.09 -19.59
C LEU A 172 1.87 -0.07 -20.78
N GLU A 173 1.49 0.49 -21.93
CA GLU A 173 2.36 0.50 -23.11
C GLU A 173 3.58 1.40 -22.97
N ASN A 174 3.37 2.66 -22.57
CA ASN A 174 4.47 3.63 -22.39
C ASN A 174 5.47 3.17 -21.31
N GLY A 175 4.98 2.47 -20.29
CA GLY A 175 5.85 1.97 -19.23
C GLY A 175 6.12 0.48 -19.27
N LYS A 176 5.88 -0.16 -20.42
CA LYS A 176 5.95 -1.63 -20.55
C LYS A 176 7.27 -2.25 -20.07
N GLU A 177 8.40 -1.59 -20.33
CA GLU A 177 9.71 -2.11 -19.90
C GLU A 177 9.73 -2.58 -18.43
N THR A 178 8.96 -1.90 -17.57
CA THR A 178 8.80 -2.32 -16.18
C THR A 178 7.38 -2.80 -15.89
N LEU A 179 6.37 -2.04 -16.32
CA LEU A 179 4.98 -2.35 -16.00
C LEU A 179 4.49 -3.72 -16.50
N GLN A 180 5.05 -4.16 -17.62
CA GLN A 180 4.69 -5.48 -18.15
C GLN A 180 5.87 -6.47 -18.03
N ARG A 181 6.85 -6.15 -17.19
CA ARG A 181 7.91 -7.11 -16.84
C ARG A 181 7.49 -7.74 -15.51
N THR A 182 7.46 -9.06 -15.45
CA THR A 182 7.20 -9.73 -14.18
C THR A 182 8.53 -10.13 -13.57
N ASP A 183 8.74 -9.75 -12.31
CA ASP A 183 9.95 -10.15 -11.60
C ASP A 183 9.62 -11.31 -10.67
N ALA A 184 9.96 -12.52 -11.11
CA ALA A 184 9.71 -13.73 -10.35
C ALA A 184 10.47 -13.63 -9.02
N PRO A 185 9.89 -14.13 -7.91
CA PRO A 185 10.60 -14.03 -6.65
C PRO A 185 11.93 -14.75 -6.70
N LYS A 186 12.93 -14.17 -6.08
CA LYS A 186 14.20 -14.85 -5.86
C LYS A 186 14.06 -15.61 -4.56
N THR A 187 14.08 -16.94 -4.64
CA THR A 187 13.75 -17.76 -3.49
C THR A 187 14.94 -18.50 -2.90
N HIS A 188 14.97 -18.59 -1.57
CA HIS A 188 15.87 -19.52 -0.89
C HIS A 188 15.30 -19.94 0.44
N MET A 189 15.91 -20.97 1.04
CA MET A 189 15.52 -21.41 2.36
C MET A 189 16.68 -21.23 3.35
N THR A 190 16.37 -20.76 4.56
CA THR A 190 17.35 -20.76 5.65
C THR A 190 16.90 -21.70 6.78
N HIS A 191 17.84 -22.03 7.66
CA HIS A 191 17.66 -23.05 8.69
C HIS A 191 18.17 -22.52 10.03
N HIS A 192 17.31 -22.52 11.04
CA HIS A 192 17.68 -22.01 12.38
C HIS A 192 17.29 -23.00 13.49
N ALA A 193 18.28 -23.61 14.12
CA ALA A 193 18.07 -24.43 15.33
C ALA A 193 17.34 -23.65 16.43
N VAL A 194 16.27 -24.23 16.98
CA VAL A 194 15.52 -23.64 18.11
C VAL A 194 15.96 -24.32 19.41
N SER A 195 16.23 -25.62 19.30
CA SER A 195 16.76 -26.45 20.39
C SER A 195 17.51 -27.59 19.72
N ASP A 196 17.95 -28.57 20.51
CA ASP A 196 18.58 -29.79 19.99
C ASP A 196 17.57 -30.65 19.24
N HIS A 197 16.28 -30.37 19.45
CA HIS A 197 15.19 -31.21 18.97
C HIS A 197 14.39 -30.61 17.82
N GLU A 198 14.38 -29.28 17.72
CA GLU A 198 13.55 -28.62 16.73
C GLU A 198 14.27 -27.47 16.03
N ALA A 199 13.83 -27.18 14.82
CA ALA A 199 14.47 -26.16 14.00
C ALA A 199 13.45 -25.42 13.14
N THR A 200 13.76 -24.16 12.86
CA THR A 200 12.97 -23.31 11.98
C THR A 200 13.49 -23.34 10.54
N LEU A 201 12.60 -23.64 9.60
CA LEU A 201 12.88 -23.53 8.19
C LEU A 201 12.18 -22.28 7.74
N ARG A 202 12.93 -21.36 7.15
CA ARG A 202 12.33 -20.13 6.66
C ARG A 202 12.49 -20.03 5.15
N CYS A 203 11.36 -19.93 4.47
CA CYS A 203 11.31 -19.87 3.02
C CYS A 203 11.14 -18.42 2.58
N TRP A 204 12.12 -17.92 1.84
CA TRP A 204 12.20 -16.51 1.49
C TRP A 204 11.78 -16.30 0.05
N ALA A 205 10.94 -15.30 -0.18
CA ALA A 205 10.71 -14.78 -1.53
C ALA A 205 11.12 -13.31 -1.56
N LEU A 206 12.08 -13.00 -2.43
CA LEU A 206 12.68 -11.66 -2.47
C LEU A 206 12.58 -11.04 -3.86
N SER A 207 12.48 -9.72 -3.89
CA SER A 207 12.68 -8.92 -5.10
C SER A 207 11.67 -9.18 -6.21
N PHE A 208 10.41 -9.44 -5.83
CA PHE A 208 9.39 -9.83 -6.78
C PHE A 208 8.45 -8.70 -7.15
N TYR A 209 7.84 -8.81 -8.32
CA TYR A 209 6.84 -7.85 -8.79
C TYR A 209 5.94 -8.56 -9.81
N PRO A 210 4.61 -8.40 -9.69
CA PRO A 210 3.95 -7.56 -8.69
C PRO A 210 3.90 -8.17 -7.29
N ALA A 211 3.16 -7.51 -6.39
CA ALA A 211 3.18 -7.87 -4.98
C ALA A 211 2.46 -9.19 -4.69
N GLU A 212 1.46 -9.53 -5.50
CA GLU A 212 0.65 -10.74 -5.26
C GLU A 212 1.52 -12.00 -5.35
N ILE A 213 1.39 -12.85 -4.33
CA ILE A 213 2.22 -14.06 -4.18
C ILE A 213 1.57 -15.00 -3.16
N THR A 214 1.87 -16.29 -3.28
CA THR A 214 1.45 -17.27 -2.28
C THR A 214 2.63 -18.15 -1.89
N LEU A 215 2.87 -18.24 -0.58
CA LEU A 215 3.86 -19.15 -0.01
C LEU A 215 3.14 -20.18 0.85
N THR A 216 3.38 -21.46 0.57
CA THR A 216 2.71 -22.55 1.28
C THR A 216 3.70 -23.61 1.72
N TRP A 217 3.53 -24.10 2.96
CA TRP A 217 4.34 -25.20 3.46
C TRP A 217 3.60 -26.52 3.33
N GLN A 218 4.34 -27.57 2.99
CA GLN A 218 3.80 -28.92 3.03
C GLN A 218 4.70 -29.88 3.80
N ARG A 219 4.09 -30.91 4.39
CA ARG A 219 4.84 -32.06 4.92
C ARG A 219 4.34 -33.30 4.23
N ASP A 220 5.26 -34.11 3.69
CA ASP A 220 4.93 -35.31 2.94
C ASP A 220 3.81 -35.04 1.90
N GLY A 221 3.87 -33.86 1.29
CA GLY A 221 2.99 -33.48 0.19
C GLY A 221 1.59 -33.06 0.60
N GLU A 222 1.42 -32.68 1.86
CA GLU A 222 0.13 -32.24 2.38
C GLU A 222 0.31 -30.89 3.07
N ASP A 223 -0.64 -29.97 2.84
CA ASP A 223 -0.60 -28.64 3.45
C ASP A 223 -0.44 -28.74 4.97
N GLN A 224 0.29 -27.79 5.55
CA GLN A 224 0.69 -27.91 6.95
C GLN A 224 -0.05 -26.94 7.89
N THR A 225 0.21 -25.64 7.73
CA THR A 225 -0.46 -24.59 8.54
C THR A 225 -0.10 -24.57 10.04
N GLN A 226 -0.17 -25.73 10.70
CA GLN A 226 0.28 -25.87 12.09
C GLN A 226 1.76 -25.51 12.24
N ASP A 227 2.11 -24.81 13.31
CA ASP A 227 3.49 -24.43 13.59
C ASP A 227 4.16 -23.65 12.43
N THR A 228 3.38 -22.83 11.72
CA THR A 228 3.94 -21.97 10.68
C THR A 228 3.82 -20.50 11.06
N GLU A 229 4.53 -19.65 10.33
CA GLU A 229 4.49 -18.20 10.50
C GLU A 229 4.73 -17.55 9.13
N LEU A 230 3.93 -16.54 8.79
CA LEU A 230 3.92 -15.92 7.45
C LEU A 230 3.82 -14.41 7.60
N VAL A 231 4.92 -13.68 7.33
CA VAL A 231 4.86 -12.21 7.42
C VAL A 231 4.09 -11.62 6.27
N GLU A 232 3.49 -10.45 6.51
CA GLU A 232 2.76 -9.74 5.48
C GLU A 232 3.74 -9.27 4.43
N THR A 233 3.28 -9.26 3.17
CA THR A 233 4.16 -8.86 2.07
C THR A 233 4.58 -7.43 2.29
N ARG A 234 5.86 -7.15 2.07
CA ARG A 234 6.43 -5.86 2.40
C ARG A 234 7.26 -5.30 1.23
N PRO A 235 7.29 -3.96 1.08
CA PRO A 235 8.09 -3.34 0.02
C PRO A 235 9.60 -3.33 0.32
N ALA A 236 10.40 -3.66 -0.70
CA ALA A 236 11.85 -3.62 -0.60
C ALA A 236 12.35 -2.17 -0.60
N GLY A 237 11.59 -1.28 -1.24
CA GLY A 237 11.96 0.13 -1.38
C GLY A 237 12.52 0.46 -2.76
N ASP A 238 12.82 -0.57 -3.56
CA ASP A 238 13.22 -0.36 -4.96
C ASP A 238 12.09 -0.65 -5.98
N GLY A 239 10.86 -0.74 -5.49
CA GLY A 239 9.71 -1.05 -6.36
C GLY A 239 9.28 -2.52 -6.35
N THR A 240 10.11 -3.39 -5.75
CA THR A 240 9.80 -4.82 -5.60
C THR A 240 9.36 -5.12 -4.18
N PHE A 241 9.04 -6.39 -3.95
CA PHE A 241 8.41 -6.83 -2.69
C PHE A 241 9.09 -8.05 -2.11
N GLN A 242 8.82 -8.30 -0.84
CA GLN A 242 9.43 -9.42 -0.13
C GLN A 242 8.37 -10.11 0.73
N LYS A 243 8.59 -11.39 0.99
CA LYS A 243 7.74 -12.14 1.92
C LYS A 243 8.52 -13.35 2.38
N TRP A 244 8.21 -13.84 3.57
CA TRP A 244 8.69 -15.15 4.00
C TRP A 244 7.63 -15.95 4.74
N ALA A 245 7.78 -17.27 4.71
CA ALA A 245 6.97 -18.21 5.48
C ALA A 245 7.90 -19.18 6.21
N ALA A 246 7.62 -19.44 7.47
CA ALA A 246 8.48 -20.32 8.24
C ALA A 246 7.70 -21.49 8.85
N VAL A 247 8.39 -22.60 9.10
CA VAL A 247 7.80 -23.76 9.78
C VAL A 247 8.81 -24.32 10.81
N VAL A 248 8.30 -24.71 11.97
CA VAL A 248 9.15 -25.42 12.95
C VAL A 248 8.98 -26.92 12.76
N VAL A 249 10.11 -27.62 12.66
CA VAL A 249 10.14 -29.04 12.36
C VAL A 249 11.02 -29.78 13.39
N PRO A 250 10.83 -31.11 13.53
CA PRO A 250 11.80 -31.90 14.31
C PRO A 250 13.13 -31.96 13.58
N SER A 251 14.22 -31.76 14.31
CA SER A 251 15.56 -31.78 13.73
C SER A 251 15.85 -33.15 13.14
N GLY A 252 16.42 -33.16 11.94
CA GLY A 252 16.60 -34.42 11.21
C GLY A 252 15.50 -34.69 10.20
N GLN A 253 14.34 -34.02 10.35
CA GLN A 253 13.17 -34.28 9.48
C GLN A 253 12.91 -33.18 8.47
N GLU A 254 13.88 -32.28 8.29
CA GLU A 254 13.73 -31.13 7.39
C GLU A 254 13.31 -31.52 5.98
N GLN A 255 13.78 -32.69 5.54
CA GLN A 255 13.62 -33.17 4.16
C GLN A 255 12.17 -33.45 3.79
N ARG A 256 11.32 -33.69 4.79
CA ARG A 256 9.88 -33.95 4.59
C ARG A 256 9.12 -32.73 4.12
N TYR A 257 9.68 -31.56 4.42
CA TYR A 257 8.98 -30.30 4.28
C TYR A 257 9.34 -29.60 2.98
N THR A 258 8.33 -29.08 2.28
CA THR A 258 8.53 -28.33 1.06
C THR A 258 7.81 -26.99 1.12
N CYS A 259 8.48 -25.96 0.61
CA CYS A 259 7.87 -24.65 0.45
C CYS A 259 7.44 -24.47 -1.00
N HIS A 260 6.19 -24.06 -1.18
CA HIS A 260 5.60 -23.89 -2.49
C HIS A 260 5.33 -22.41 -2.77
N VAL A 261 5.81 -21.95 -3.92
CA VAL A 261 5.77 -20.54 -4.28
C VAL A 261 5.02 -20.32 -5.59
N GLN A 262 3.96 -19.52 -5.53
CA GLN A 262 3.15 -19.15 -6.69
C GLN A 262 3.26 -17.65 -6.96
N HIS A 263 3.47 -17.29 -8.23
CA HIS A 263 3.63 -15.89 -8.62
C HIS A 263 3.46 -15.78 -10.14
N GLU A 264 2.91 -14.66 -10.60
CA GLU A 264 2.68 -14.42 -12.03
C GLU A 264 3.98 -14.55 -12.85
N GLY A 265 5.12 -14.29 -12.21
CA GLY A 265 6.43 -14.37 -12.86
C GLY A 265 6.98 -15.78 -13.04
N LEU A 266 6.27 -16.75 -12.47
CA LEU A 266 6.68 -18.16 -12.50
C LEU A 266 5.76 -18.99 -13.40
N PRO A 267 6.26 -19.47 -14.57
CA PRO A 267 5.50 -20.34 -15.46
C PRO A 267 4.84 -21.49 -14.68
N LYS A 268 5.65 -22.24 -13.91
CA LYS A 268 5.11 -23.23 -12.95
C LYS A 268 5.50 -22.88 -11.52
N PRO A 269 4.64 -23.20 -10.53
CA PRO A 269 5.00 -23.02 -9.12
C PRO A 269 6.37 -23.62 -8.78
N LEU A 270 7.09 -22.96 -7.88
CA LEU A 270 8.38 -23.44 -7.41
C LEU A 270 8.21 -24.31 -6.18
N THR A 271 9.09 -25.29 -6.04
CA THR A 271 9.15 -26.10 -4.82
C THR A 271 10.56 -26.02 -4.25
N LEU A 272 10.65 -25.63 -2.98
CA LEU A 272 11.92 -25.61 -2.29
C LEU A 272 11.93 -26.65 -1.18
N ARG A 273 13.06 -27.32 -1.03
CA ARG A 273 13.23 -28.38 -0.04
C ARG A 273 14.63 -28.28 0.56
N TRP A 274 14.71 -28.32 1.89
CA TRP A 274 16.00 -28.37 2.56
C TRP A 274 16.55 -29.80 2.49
N GLU A 275 17.59 -29.99 1.68
CA GLU A 275 18.11 -31.33 1.45
C GLU A 275 19.38 -31.32 0.63
N GLN B 1 -9.81 3.53 15.94
CA GLN B 1 -8.31 3.59 15.98
C GLN B 1 -7.69 2.20 15.87
N ARG B 2 -6.73 2.05 14.95
CA ARG B 2 -6.04 0.79 14.73
C ARG B 2 -4.52 0.97 14.89
N THR B 3 -3.89 0.12 15.70
CA THR B 3 -2.49 0.27 16.02
C THR B 3 -1.60 -0.23 14.86
N PRO B 4 -0.43 0.40 14.66
CA PRO B 4 0.42 0.01 13.54
C PRO B 4 1.14 -1.32 13.71
N LYS B 5 1.07 -2.15 12.67
CA LYS B 5 1.99 -3.26 12.48
C LYS B 5 3.35 -2.67 12.08
N ILE B 6 4.43 -3.35 12.46
CA ILE B 6 5.77 -2.85 12.23
C ILE B 6 6.66 -4.00 11.76
N GLN B 7 7.33 -3.79 10.63
CA GLN B 7 8.40 -4.69 10.20
C GLN B 7 9.67 -3.88 9.98
N VAL B 8 10.79 -4.38 10.50
CA VAL B 8 12.10 -3.74 10.30
C VAL B 8 13.02 -4.74 9.61
N TYR B 9 13.66 -4.30 8.52
CA TYR B 9 14.37 -5.21 7.61
C TYR B 9 15.23 -4.44 6.60
N SER B 10 16.08 -5.15 5.89
CA SER B 10 16.94 -4.52 4.91
C SER B 10 16.42 -4.78 3.50
N ARG B 11 16.68 -3.86 2.58
CA ARG B 11 16.32 -4.04 1.18
C ARG B 11 16.99 -5.29 0.58
N HIS B 12 18.27 -5.48 0.90
CA HIS B 12 19.07 -6.56 0.34
C HIS B 12 19.59 -7.44 1.46
N PRO B 13 19.88 -8.73 1.16
CA PRO B 13 20.40 -9.59 2.25
C PRO B 13 21.54 -8.87 2.94
N ALA B 14 21.57 -8.93 4.28
CA ALA B 14 22.53 -8.16 5.06
C ALA B 14 23.89 -8.82 4.99
N GLU B 15 24.90 -8.04 4.63
CA GLU B 15 26.29 -8.49 4.62
C GLU B 15 27.13 -7.43 5.31
N ASN B 16 27.77 -7.81 6.42
CA ASN B 16 28.57 -6.86 7.18
C ASN B 16 29.58 -6.15 6.30
N GLY B 17 29.62 -4.84 6.46
CA GLY B 17 30.55 -3.99 5.72
C GLY B 17 30.12 -3.64 4.31
N LYS B 18 28.94 -4.11 3.89
CA LYS B 18 28.40 -3.78 2.57
C LYS B 18 27.18 -2.89 2.68
N SER B 19 27.17 -1.79 1.94
CA SER B 19 26.08 -0.82 2.01
C SER B 19 24.76 -1.42 1.55
N ASN B 20 23.68 -0.87 2.09
CA ASN B 20 22.36 -1.46 2.03
C ASN B 20 21.35 -0.37 2.37
N PHE B 21 20.10 -0.77 2.59
CA PHE B 21 19.02 0.13 2.92
C PHE B 21 18.23 -0.48 4.06
N LEU B 22 18.06 0.30 5.13
CA LEU B 22 17.26 -0.12 6.28
C LEU B 22 15.81 0.38 6.18
N ASN B 23 14.88 -0.56 6.25
CA ASN B 23 13.45 -0.28 6.07
C ASN B 23 12.67 -0.45 7.36
N CYS B 24 11.76 0.48 7.61
CA CYS B 24 10.73 0.28 8.62
C CYS B 24 9.36 0.49 7.97
N TYR B 25 8.62 -0.60 7.85
CA TYR B 25 7.34 -0.61 7.19
C TYR B 25 6.24 -0.62 8.24
N VAL B 26 5.47 0.46 8.29
CA VAL B 26 4.37 0.55 9.23
C VAL B 26 3.05 0.50 8.43
N SER B 27 2.14 -0.37 8.87
CA SER B 27 0.87 -0.57 8.15
C SER B 27 -0.26 -0.91 9.11
N GLY B 28 -1.50 -0.94 8.59
CA GLY B 28 -2.69 -1.34 9.35
C GLY B 28 -3.11 -0.31 10.39
N PHE B 29 -2.68 0.93 10.23
CA PHE B 29 -2.96 1.94 11.24
C PHE B 29 -4.00 2.98 10.83
N HIS B 30 -4.72 3.49 11.83
CA HIS B 30 -5.68 4.57 11.65
C HIS B 30 -5.77 5.28 13.00
N PRO B 31 -5.73 6.63 13.01
CA PRO B 31 -5.56 7.54 11.88
C PRO B 31 -4.12 7.61 11.36
N SER B 32 -3.90 8.50 10.39
CA SER B 32 -2.66 8.52 9.62
C SER B 32 -1.48 9.23 10.28
N ASP B 33 -1.73 10.20 11.17
CA ASP B 33 -0.63 10.83 11.91
C ASP B 33 0.17 9.75 12.64
N ILE B 34 1.48 9.72 12.40
CA ILE B 34 2.34 8.72 13.00
C ILE B 34 3.76 9.26 13.07
N GLU B 35 4.50 8.87 14.11
CA GLU B 35 5.92 9.22 14.20
C GLU B 35 6.75 7.97 14.02
N VAL B 36 7.68 8.00 13.07
CA VAL B 36 8.54 6.83 12.81
C VAL B 36 10.00 7.26 12.70
N ASP B 37 10.83 6.75 13.60
CA ASP B 37 12.28 6.99 13.52
C ASP B 37 13.05 5.69 13.36
N LEU B 38 14.12 5.76 12.58
CA LEU B 38 15.09 4.68 12.52
C LEU B 38 16.27 5.03 13.45
N LEU B 39 16.71 4.04 14.22
CA LEU B 39 17.76 4.25 15.22
C LEU B 39 19.02 3.43 14.97
N LYS B 40 20.17 4.03 15.28
CA LYS B 40 21.46 3.36 15.27
C LYS B 40 22.04 3.45 16.67
N ASN B 41 22.19 2.29 17.32
CA ASN B 41 22.60 2.20 18.72
C ASN B 41 21.85 3.20 19.62
N GLY B 42 20.52 3.13 19.56
CA GLY B 42 19.65 3.95 20.39
C GLY B 42 19.47 5.40 19.94
N GLU B 43 20.24 5.83 18.94
CA GLU B 43 20.18 7.22 18.48
C GLU B 43 19.51 7.42 17.13
N ARG B 44 18.68 8.46 17.05
CA ARG B 44 17.91 8.80 15.84
C ARG B 44 18.80 9.04 14.62
N ILE B 45 18.49 8.37 13.51
CA ILE B 45 19.13 8.66 12.23
C ILE B 45 18.37 9.80 11.53
N GLU B 46 19.13 10.74 11.00
CA GLU B 46 18.59 12.04 10.58
C GLU B 46 18.13 12.08 9.12
N LYS B 47 18.84 11.38 8.24
CA LYS B 47 18.53 11.42 6.82
C LYS B 47 17.53 10.30 6.44
N VAL B 48 16.35 10.30 7.07
CA VAL B 48 15.36 9.25 6.82
C VAL B 48 14.22 9.77 5.96
N GLU B 49 13.95 9.05 4.88
CA GLU B 49 12.85 9.36 3.97
C GLU B 49 11.67 8.38 4.15
N HIS B 50 10.53 8.75 3.59
CA HIS B 50 9.35 7.88 3.61
C HIS B 50 8.57 7.99 2.30
N SER B 51 7.81 6.93 2.00
CA SER B 51 6.89 6.88 0.87
C SER B 51 5.70 7.83 1.04
N ASP B 52 4.97 8.06 -0.04
CA ASP B 52 3.76 8.84 0.04
C ASP B 52 2.65 8.03 0.68
N LEU B 53 1.89 8.66 1.58
CA LEU B 53 0.81 7.98 2.28
C LEU B 53 -0.20 7.36 1.33
N SER B 54 -0.48 6.09 1.53
CA SER B 54 -1.55 5.40 0.85
C SER B 54 -2.17 4.47 1.87
N PHE B 55 -3.18 3.74 1.45
CA PHE B 55 -3.94 2.88 2.34
C PHE B 55 -4.40 1.64 1.61
N SER B 56 -4.74 0.62 2.39
CA SER B 56 -5.17 -0.68 1.87
C SER B 56 -6.68 -0.71 1.69
N LYS B 57 -7.17 -1.86 1.25
CA LYS B 57 -8.60 -2.11 0.99
C LYS B 57 -9.50 -1.76 2.20
N ASP B 58 -9.04 -2.12 3.40
CA ASP B 58 -9.77 -1.82 4.63
C ASP B 58 -9.61 -0.37 5.15
N TRP B 59 -8.97 0.48 4.35
CA TRP B 59 -8.78 1.91 4.64
C TRP B 59 -7.63 2.19 5.62
N SER B 60 -6.99 1.14 6.13
CA SER B 60 -5.86 1.36 7.05
C SER B 60 -4.63 1.83 6.27
N PHE B 61 -3.81 2.69 6.88
CA PHE B 61 -2.72 3.34 6.17
C PHE B 61 -1.46 2.49 6.18
N TYR B 62 -0.57 2.73 5.22
CA TYR B 62 0.78 2.15 5.27
C TYR B 62 1.82 3.16 4.78
N LEU B 63 3.01 3.09 5.39
CA LEU B 63 4.17 3.88 5.01
C LEU B 63 5.48 3.07 5.10
N LEU B 64 6.42 3.40 4.22
CA LEU B 64 7.78 2.88 4.33
C LEU B 64 8.72 4.03 4.66
N TYR B 65 9.44 3.86 5.75
CA TYR B 65 10.54 4.74 6.11
C TYR B 65 11.82 3.96 5.82
N TYR B 66 12.83 4.67 5.34
CA TYR B 66 14.05 4.02 4.86
C TYR B 66 15.22 4.97 4.89
N THR B 67 16.41 4.39 5.02
CA THR B 67 17.65 5.13 4.94
C THR B 67 18.76 4.17 4.50
N GLU B 68 19.78 4.70 3.85
CA GLU B 68 20.99 3.96 3.53
C GLU B 68 21.70 3.64 4.82
N PHE B 69 22.22 2.42 4.92
CA PHE B 69 23.03 2.01 6.06
C PHE B 69 24.03 0.94 5.66
N THR B 70 25.03 0.72 6.51
CA THR B 70 26.00 -0.35 6.30
C THR B 70 26.06 -1.23 7.54
N PRO B 71 25.42 -2.41 7.49
CA PRO B 71 25.35 -3.28 8.66
C PRO B 71 26.73 -3.77 9.09
N THR B 72 26.91 -3.94 10.39
CA THR B 72 28.14 -4.51 10.96
C THR B 72 27.74 -5.61 11.95
N GLU B 73 28.76 -6.30 12.48
CA GLU B 73 28.53 -7.32 13.50
C GLU B 73 27.99 -6.73 14.81
N LYS B 74 28.50 -5.56 15.19
CA LYS B 74 28.22 -4.97 16.49
C LYS B 74 26.99 -4.05 16.54
N ASP B 75 26.87 -3.15 15.55
CA ASP B 75 25.83 -2.13 15.53
C ASP B 75 24.42 -2.70 15.60
N GLU B 76 23.60 -2.09 16.45
CA GLU B 76 22.20 -2.41 16.57
C GLU B 76 21.37 -1.34 15.87
N TYR B 77 20.32 -1.78 15.19
CA TYR B 77 19.38 -0.89 14.52
C TYR B 77 17.98 -1.20 14.96
N ALA B 78 17.12 -0.20 14.95
CA ALA B 78 15.78 -0.35 15.47
C ALA B 78 14.85 0.67 14.85
N CYS B 79 13.56 0.42 14.95
CA CYS B 79 12.56 1.36 14.48
C CYS B 79 11.68 1.74 15.64
N ARG B 80 11.56 3.04 15.85
CA ARG B 80 10.76 3.55 16.94
C ARG B 80 9.52 4.21 16.37
N VAL B 81 8.36 3.76 16.84
CA VAL B 81 7.08 4.21 16.33
C VAL B 81 6.21 4.76 17.46
N ASN B 82 5.73 5.97 17.28
CA ASN B 82 4.66 6.50 18.12
C ASN B 82 3.39 6.79 17.31
N HIS B 83 2.24 6.50 17.92
CA HIS B 83 0.94 6.66 17.30
C HIS B 83 -0.05 6.90 18.45
N VAL B 84 -1.17 7.54 18.15
CA VAL B 84 -2.19 7.82 19.19
C VAL B 84 -2.61 6.55 19.97
N THR B 85 -2.62 5.41 19.28
CA THR B 85 -2.98 4.11 19.88
C THR B 85 -1.95 3.56 20.87
N LEU B 86 -0.77 4.18 20.95
CA LEU B 86 0.32 3.63 21.75
C LEU B 86 0.59 4.45 23.00
N SER B 87 0.64 3.78 24.15
CA SER B 87 0.94 4.42 25.44
C SER B 87 2.31 5.07 25.42
N GLN B 88 3.28 4.32 24.91
CA GLN B 88 4.65 4.80 24.79
C GLN B 88 5.21 4.35 23.44
N PRO B 89 6.26 5.02 22.95
CA PRO B 89 6.85 4.65 21.65
C PRO B 89 7.25 3.19 21.61
N LYS B 90 6.75 2.48 20.59
CA LYS B 90 7.05 1.07 20.42
C LYS B 90 8.36 0.92 19.65
N ILE B 91 9.31 0.16 20.22
CA ILE B 91 10.58 -0.08 19.58
C ILE B 91 10.70 -1.51 19.10
N VAL B 92 11.08 -1.66 17.84
CA VAL B 92 11.25 -2.96 17.22
C VAL B 92 12.70 -3.05 16.72
N LYS B 93 13.45 -4.01 17.23
CA LYS B 93 14.84 -4.15 16.86
C LYS B 93 14.96 -4.83 15.49
N TRP B 94 15.92 -4.38 14.70
CA TRP B 94 16.22 -5.04 13.44
C TRP B 94 16.88 -6.40 13.69
N ASP B 95 16.25 -7.46 13.20
CA ASP B 95 16.84 -8.78 13.21
C ASP B 95 17.11 -9.18 11.76
N ARG B 96 18.37 -9.39 11.42
CA ARG B 96 18.74 -9.67 10.03
C ARG B 96 18.12 -10.96 9.45
N ASP B 97 17.54 -11.78 10.32
CA ASP B 97 16.90 -13.02 9.88
C ASP B 97 15.40 -12.88 9.62
N MET B 98 14.89 -11.66 9.75
CA MET B 98 13.43 -11.43 9.71
C MET B 98 13.01 -10.48 8.60
N ARG C 1 -4.82 9.07 -15.42
CA ARG C 1 -5.77 10.15 -15.79
C ARG C 1 -6.99 10.23 -14.86
N GLN C 2 -7.05 11.32 -14.12
CA GLN C 2 -8.11 11.53 -13.15
C GLN C 2 -9.45 11.78 -13.77
N ILE C 3 -10.50 11.47 -13.01
CA ILE C 3 -11.86 11.81 -13.41
C ILE C 3 -12.05 13.33 -13.46
N SER C 4 -12.95 13.77 -14.33
CA SER C 4 -13.21 15.18 -14.57
C SER C 4 -14.33 15.75 -13.67
N GLN C 5 -15.40 14.97 -13.52
CA GLN C 5 -16.57 15.27 -12.69
C GLN C 5 -16.17 15.57 -11.23
N ASP C 6 -16.74 16.63 -10.65
CA ASP C 6 -16.34 17.09 -9.31
C ASP C 6 -17.37 16.80 -8.22
N VAL C 7 -17.51 15.51 -7.88
CA VAL C 7 -18.52 14.98 -6.95
C VAL C 7 -18.31 15.31 -5.45
N LYS C 8 -19.35 15.84 -4.80
CA LYS C 8 -19.30 16.18 -3.37
C LYS C 8 -20.25 15.32 -2.56
N LEU C 9 -19.81 14.91 -1.38
CA LEU C 9 -20.63 14.12 -0.47
C LEU C 9 -21.83 14.90 0.08
#